data_2O7X
#
_entry.id   2O7X
#
loop_
_entity.id
_entity.type
_entity.pdbx_description
1 polymer "5'-D(*CP*CP*AP*AP*AP*GP*(AAB)P*AP*CP*CP*GP*GP*G)-3'"
2 polymer "5'-D(*CP*CP*CP*GP*GP*TP*GP*CP*TP*TP*TP*GP*G)-3'"
#
loop_
_entity_poly.entity_id
_entity_poly.type
_entity_poly.pdbx_seq_one_letter_code
_entity_poly.pdbx_strand_id
1 'polydeoxyribonucleotide' (DC)(DC)(DA)(DA)(DA)(DG)(AAB)(DA)(DC)(DC)(DG)(DG)(DG) A
2 'polydeoxyribonucleotide' (DC)(DC)(DC)(DG)(DG)(DT)(DG)(DC)(DT)(DT)(DT)(DG)(DG) B
#
loop_
_chem_comp.id
_chem_comp.type
_chem_comp.name
_chem_comp.formula
AAB DNA linking 2'-DEOXY-RIBOFURANOSE-5'-MONOPHOSPHATE 'C5 H11 O7 P'
DA DNA linking 2'-DEOXYADENOSINE-5'-MONOPHOSPHATE 'C10 H14 N5 O6 P'
DC DNA linking 2'-DEOXYCYTIDINE-5'-MONOPHOSPHATE 'C9 H14 N3 O7 P'
DG DNA linking 2'-DEOXYGUANOSINE-5'-MONOPHOSPHATE 'C10 H14 N5 O7 P'
DT DNA linking THYMIDINE-5'-MONOPHOSPHATE 'C10 H15 N2 O8 P'
#
# COMPACT_ATOMS: atom_id res chain seq x y z
P AAB A 7 -2.77 1.42 1.63
O1P AAB A 7 -2.86 2.82 1.13
O3P AAB A 7 -2.90 1.23 3.10
O5' AAB A 7 -1.42 0.75 1.18
C5' AAB A 7 -1.01 0.70 -0.20
C4' AAB A 7 0.38 0.14 -0.37
O4' AAB A 7 0.44 -1.22 0.12
C1' AAB A 7 1.25 -1.99 -0.74
O1' AAB A 7 1.05 -3.34 -0.58
C2' AAB A 7 0.82 -1.51 -2.10
C3' AAB A 7 0.66 -0.01 -1.89
O3' AAB A 7 1.94 0.59 -2.24
H5'1 AAB A 7 -0.91 1.72 -0.56
H5'2 AAB A 7 -1.68 0.14 -0.86
H4' AAB A 7 1.16 0.73 0.09
H1' AAB A 7 2.34 -1.86 -0.70
HO1' AAB A 7 1.82 -3.79 -1.00
H2'1 AAB A 7 -0.22 -1.89 -2.25
H2'2 AAB A 7 1.63 -1.68 -2.90
H3' AAB A 7 -0.07 0.49 -2.59
P AAB A 7 -3.06 1.33 1.38
O1P AAB A 7 -3.41 2.54 0.52
O3P AAB A 7 -3.27 1.42 2.84
O5' AAB A 7 -1.54 0.84 1.07
C5' AAB A 7 -1.20 0.55 -0.30
C4' AAB A 7 0.36 0.47 -0.37
O4' AAB A 7 0.67 -0.79 0.28
C1' AAB A 7 1.39 -1.55 -0.64
O1' AAB A 7 1.17 -2.94 -0.45
C2' AAB A 7 0.79 -1.17 -2.01
C3' AAB A 7 0.81 0.32 -1.84
O3' AAB A 7 2.14 0.84 -2.06
H5'1 AAB A 7 -1.57 1.38 -0.92
H5'2 AAB A 7 -1.66 -0.32 -0.78
H4' AAB A 7 0.88 1.28 0.12
H1' AAB A 7 2.44 -1.30 -0.58
HO1' AAB A 7 1.60 -3.45 -1.12
H2'1 AAB A 7 -0.27 -1.59 -2.11
H2'2 AAB A 7 1.64 -1.36 -2.84
H3' AAB A 7 0.00 0.83 -2.48
P AAB A 7 -3.26 1.52 1.14
O1P AAB A 7 -3.47 2.67 0.29
O3P AAB A 7 -3.69 1.52 2.56
O5' AAB A 7 -1.70 1.08 1.09
C5' AAB A 7 -1.09 1.02 -0.18
C4' AAB A 7 0.39 0.52 -0.03
O4' AAB A 7 0.42 -0.82 0.52
C1' AAB A 7 1.51 -1.49 -0.13
O1' AAB A 7 1.44 -2.92 -0.14
C2' AAB A 7 1.35 -1.06 -1.62
C3' AAB A 7 1.05 0.49 -1.44
O3' AAB A 7 2.28 1.20 -1.40
H5'1 AAB A 7 -1.20 2.03 -0.60
H5'2 AAB A 7 -1.61 0.31 -0.81
H4' AAB A 7 0.91 1.19 0.68
H1' AAB A 7 2.43 -1.18 0.37
HO1' AAB A 7 2.33 -3.22 -0.48
H2'1 AAB A 7 0.38 -1.57 -2.06
H2'2 AAB A 7 2.41 -1.16 -2.01
H3' AAB A 7 0.41 0.90 -2.12
P AAB A 7 -3.21 1.60 1.00
O1P AAB A 7 -3.23 2.81 0.17
O3P AAB A 7 -3.72 1.64 2.38
O5' AAB A 7 -1.72 1.00 1.03
C5' AAB A 7 -1.08 0.66 -0.15
C4' AAB A 7 0.42 0.55 0.09
O4' AAB A 7 0.69 -0.58 0.91
C1' AAB A 7 1.79 -1.23 0.35
O1' AAB A 7 1.88 -2.62 0.73
C2' AAB A 7 1.60 -1.10 -1.17
C3' AAB A 7 1.22 0.42 -1.23
O3' AAB A 7 2.45 1.20 -1.13
H5'1 AAB A 7 -1.24 1.53 -0.79
H5'2 AAB A 7 -1.48 -0.26 -0.57
H4' AAB A 7 0.69 1.50 0.55
H1' AAB A 7 2.74 -0.76 0.67
HO1' AAB A 7 2.49 -2.90 0.02
H2'1 AAB A 7 0.59 -1.64 -1.26
H2'2 AAB A 7 2.59 -1.18 -1.74
H3' AAB A 7 0.67 0.66 -2.14
P AAB A 7 -3.19 1.51 0.67
O1P AAB A 7 -3.28 2.63 -0.41
O3P AAB A 7 -3.70 1.83 2.06
O5' AAB A 7 -1.76 0.90 0.87
C5' AAB A 7 -0.90 0.49 -0.20
C4' AAB A 7 0.55 0.61 0.22
O4' AAB A 7 0.80 -0.36 1.24
C1' AAB A 7 2.05 -0.97 0.90
O1' AAB A 7 2.10 -2.24 1.54
C2' AAB A 7 2.02 -1.12 -0.61
C3' AAB A 7 1.51 0.31 -0.93
O3' AAB A 7 2.64 1.19 -1.04
H5'1 AAB A 7 -0.94 1.19 -1.06
H5'2 AAB A 7 -1.07 -0.55 -0.60
H4' AAB A 7 0.74 1.61 0.59
H1' AAB A 7 2.89 -0.37 1.27
HO1' AAB A 7 2.95 -2.61 1.71
H2'1 AAB A 7 1.15 -1.82 -0.80
H2'2 AAB A 7 3.16 -1.23 -0.87
H3' AAB A 7 1.06 0.32 -1.91
P AAB A 7 -3.29 1.60 0.59
O1P AAB A 7 -3.05 2.65 -0.39
O3P AAB A 7 -4.01 1.93 1.87
O5' AAB A 7 -1.85 1.00 1.04
C5' AAB A 7 -1.03 0.39 0.06
C4' AAB A 7 0.46 0.47 0.46
O4' AAB A 7 0.81 -0.43 1.51
C1' AAB A 7 2.16 -0.81 1.31
O1' AAB A 7 2.44 -1.91 2.14
C2' AAB A 7 2.12 -1.12 -0.18
C3' AAB A 7 1.41 0.15 -0.72
O3' AAB A 7 2.54 1.05 -0.92
H5'1 AAB A 7 -1.11 0.81 -0.94
H5'2 AAB A 7 -1.31 -0.69 -0.01
H4' AAB A 7 0.71 1.44 0.84
H1' AAB A 7 2.81 0.08 1.36
HO1' AAB A 7 3.26 -2.29 1.72
H2'1 AAB A 7 1.40 -2.01 -0.28
H2'2 AAB A 7 3.23 -1.16 -0.50
H3' AAB A 7 0.86 0.00 -1.67
P AAB A 7 -3.43 1.64 0.84
O1P AAB A 7 -3.33 2.71 -0.24
O3P AAB A 7 -4.25 1.93 2.03
O5' AAB A 7 -1.94 1.31 1.22
C5' AAB A 7 -1.07 0.65 0.33
C4' AAB A 7 0.38 0.46 0.77
O4' AAB A 7 0.45 -0.50 1.78
C1' AAB A 7 1.69 -1.13 1.65
O1' AAB A 7 1.71 -2.32 2.36
C2' AAB A 7 1.77 -1.37 0.12
C3' AAB A 7 1.27 -0.05 -0.37
O3' AAB A 7 2.37 0.89 -0.70
H5'1 AAB A 7 -1.02 1.20 -0.60
H5'2 AAB A 7 -1.52 -0.34 0.17
H4' AAB A 7 0.76 1.42 1.21
H1' AAB A 7 2.48 -0.38 2.05
HO1' AAB A 7 2.63 -2.60 2.46
H2'1 AAB A 7 1.02 -2.20 -0.06
H2'2 AAB A 7 2.90 -1.47 -0.17
H3' AAB A 7 0.64 -0.10 -1.29
P AAB A 7 -3.64 1.79 1.13
O1P AAB A 7 -3.53 2.98 0.25
O3P AAB A 7 -4.19 1.93 2.52
O5' AAB A 7 -2.14 1.32 1.29
C5' AAB A 7 -1.25 0.98 0.19
C4' AAB A 7 0.22 0.66 0.63
O4' AAB A 7 0.28 -0.48 1.50
C1' AAB A 7 1.37 -1.25 1.22
O1' AAB A 7 1.25 -2.57 1.72
C2' AAB A 7 1.32 -1.28 -0.36
C3' AAB A 7 1.08 0.21 -0.55
O3' AAB A 7 2.32 0.93 -0.67
H5'1 AAB A 7 -1.34 1.74 -0.62
H5'2 AAB A 7 -1.70 0.05 -0.23
H4' AAB A 7 0.56 1.60 1.12
H1' AAB A 7 2.36 -0.80 1.59
HO1' AAB A 7 1.91 -3.06 1.20
H2'1 AAB A 7 0.39 -1.87 -0.63
H2'2 AAB A 7 2.41 -1.48 -0.67
H3' AAB A 7 0.51 0.43 -1.45
P AAB A 7 -3.81 1.82 1.34
O1P AAB A 7 -3.88 2.94 0.43
O3P AAB A 7 -4.31 1.98 2.72
O5' AAB A 7 -2.31 1.31 1.39
C5' AAB A 7 -1.54 1.04 0.22
C4' AAB A 7 -0.01 0.63 0.56
O4' AAB A 7 0.04 -0.56 1.29
C1' AAB A 7 1.01 -1.40 0.72
O1' AAB A 7 0.77 -2.74 1.01
C2' AAB A 7 0.88 -1.11 -0.78
C3' AAB A 7 0.72 0.41 -0.74
O3' AAB A 7 2.07 0.91 -0.73
H5'1 AAB A 7 -1.62 1.89 -0.43
H5'2 AAB A 7 -2.03 0.22 -0.27
H4' AAB A 7 0.39 1.47 1.14
H1' AAB A 7 2.04 -1.10 1.12
HO1' AAB A 7 1.51 -3.31 0.66
H2'1 AAB A 7 -0.14 -1.54 -1.04
H2'2 AAB A 7 1.87 -1.31 -1.24
H3' AAB A 7 0.10 0.79 -1.60
P AAB A 7 -3.68 1.91 1.48
O1P AAB A 7 -3.76 3.21 0.69
O3P AAB A 7 -4.08 1.89 2.90
O5' AAB A 7 -2.26 1.34 1.36
C5' AAB A 7 -1.58 1.06 0.14
C4' AAB A 7 -0.20 0.46 0.42
O4' AAB A 7 -0.32 -0.75 1.14
C1' AAB A 7 0.53 -1.64 0.46
O1' AAB A 7 0.15 -2.94 0.85
C2' AAB A 7 0.35 -1.41 -1.01
C3' AAB A 7 0.46 0.14 -0.92
O3' AAB A 7 1.81 0.57 -1.06
H5'1 AAB A 7 -1.46 1.95 -0.42
H5'2 AAB A 7 -2.11 0.31 -0.38
H4' AAB A 7 0.31 1.20 1.03
H1' AAB A 7 1.57 -1.32 0.74
HO1' AAB A 7 0.84 -3.47 0.48
H2'1 AAB A 7 -0.72 -1.72 -1.25
H2'2 AAB A 7 1.31 -1.80 -1.52
H3' AAB A 7 -0.10 0.60 -1.77
P AAB A 7 -3.19 1.81 0.96
O1P AAB A 7 -3.34 3.02 0.12
O3P AAB A 7 -3.53 1.92 2.40
O5' AAB A 7 -1.70 1.28 0.84
C5' AAB A 7 -1.15 0.95 -0.43
C4' AAB A 7 0.33 0.60 -0.30
O4' AAB A 7 0.48 -0.56 0.52
C1' AAB A 7 1.36 -1.43 -0.12
O1' AAB A 7 1.12 -2.74 0.30
C2' AAB A 7 1.09 -1.24 -1.61
C3' AAB A 7 0.95 0.27 -1.67
O3' AAB A 7 2.24 0.85 -1.82
H5'1 AAB A 7 -1.25 1.79 -1.10
H5'2 AAB A 7 -1.69 0.09 -0.84
H4' AAB A 7 0.86 1.44 0.16
H1' AAB A 7 2.39 -1.14 0.10
HO1' AAB A 7 1.84 -3.27 -0.06
H2'1 AAB A 7 0.14 -1.71 -1.88
H2'2 AAB A 7 1.92 -1.60 -2.22
H3' AAB A 7 0.30 0.57 -2.49
#